data_1DM9
#
_entry.id   1DM9
#
_cell.length_a   113.070
_cell.length_b   67.930
_cell.length_c   41.010
_cell.angle_alpha   90.00
_cell.angle_beta   90.00
_cell.angle_gamma   90.00
#
_symmetry.space_group_name_H-M   'P 21 21 2'
#
loop_
_entity.id
_entity.type
_entity.pdbx_description
1 polymer 'HYPOTHETICAL 15.5 KD PROTEIN IN MRCA-PCKA INTERGENIC REGION'
2 non-polymer 'SULFATE ION'
3 water water
#
_entity_poly.entity_id   1
_entity_poly.type   'polypeptide(L)'
_entity_poly.pdbx_seq_one_letter_code
;MKEKPAVEVRLDKWLWAARFYKTRALAREMIEGGKVHYNGQRSKPSKIVELNATLTLRQGNDERTVIVKAITEQRRPASE
AALLYEETAESVEKREKMALARKLNALTMPHPDRRPDKKERRDLLRFKHGDSE
;
_entity_poly.pdbx_strand_id   A,B
#
loop_
_chem_comp.id
_chem_comp.type
_chem_comp.name
_chem_comp.formula
SO4 non-polymer 'SULFATE ION' 'O4 S -2'
#
# COMPACT_ATOMS: atom_id res chain seq x y z
N PRO A 5 -6.87 12.80 -10.53
CA PRO A 5 -6.22 12.53 -9.21
C PRO A 5 -6.31 11.06 -8.78
N ALA A 6 -5.30 10.28 -9.15
CA ALA A 6 -5.29 8.87 -8.78
C ALA A 6 -4.55 8.66 -7.48
N VAL A 7 -4.80 9.60 -6.56
CA VAL A 7 -4.23 9.56 -5.22
C VAL A 7 -5.36 9.93 -4.25
N GLU A 8 -6.60 9.60 -4.68
CA GLU A 8 -7.82 9.85 -3.91
C GLU A 8 -8.59 8.56 -3.64
N VAL A 9 -8.57 8.10 -2.39
CA VAL A 9 -9.27 6.90 -1.97
C VAL A 9 -10.20 7.33 -0.84
N ARG A 10 -11.47 6.92 -0.94
CA ARG A 10 -12.48 7.28 0.08
C ARG A 10 -12.28 6.51 1.37
N LEU A 11 -12.67 7.15 2.46
CA LEU A 11 -12.53 6.52 3.75
C LEU A 11 -13.35 5.23 3.83
N ASP A 12 -14.54 5.16 3.26
CA ASP A 12 -15.27 3.91 3.38
C ASP A 12 -14.56 2.74 2.63
N LYS A 13 -14.06 3.02 1.43
CA LYS A 13 -13.33 2.06 0.63
C LYS A 13 -12.04 1.67 1.37
N TRP A 14 -11.33 2.67 1.89
CA TRP A 14 -10.11 2.41 2.65
C TRP A 14 -10.33 1.48 3.82
N LEU A 15 -11.36 1.75 4.63
CA LEU A 15 -11.63 0.91 5.81
C LEU A 15 -11.92 -0.56 5.42
N TRP A 16 -12.58 -0.73 4.28
CA TRP A 16 -12.88 -2.06 3.76
C TRP A 16 -11.58 -2.69 3.25
N ALA A 17 -10.77 -1.90 2.52
CA ALA A 17 -9.50 -2.41 1.99
C ALA A 17 -8.60 -2.84 3.14
N ALA A 18 -8.60 -2.07 4.22
CA ALA A 18 -7.79 -2.38 5.40
C ALA A 18 -8.40 -3.51 6.25
N ARG A 19 -9.55 -4.03 5.82
CA ARG A 19 -10.26 -5.12 6.47
C ARG A 19 -10.85 -4.84 7.85
N PHE A 20 -11.13 -3.57 8.16
CA PHE A 20 -11.70 -3.24 9.45
C PHE A 20 -13.17 -3.61 9.49
N TYR A 21 -13.84 -3.58 8.33
CA TYR A 21 -15.25 -3.95 8.24
C TYR A 21 -15.40 -4.85 7.00
N LYS A 22 -16.31 -5.83 7.04
CA LYS A 22 -16.48 -6.77 5.91
C LYS A 22 -16.84 -6.20 4.55
N THR A 23 -17.64 -5.15 4.55
CA THR A 23 -18.09 -4.52 3.32
C THR A 23 -17.96 -3.01 3.45
N ARG A 24 -17.93 -2.34 2.30
CA ARG A 24 -17.87 -0.89 2.30
C ARG A 24 -19.16 -0.31 2.91
N ALA A 25 -20.30 -0.96 2.67
CA ALA A 25 -21.59 -0.46 3.20
C ALA A 25 -21.56 -0.47 4.71
N LEU A 26 -20.94 -1.50 5.28
CA LEU A 26 -20.86 -1.55 6.73
C LEU A 26 -19.88 -0.43 7.23
N ALA A 27 -18.75 -0.28 6.54
CA ALA A 27 -17.79 0.78 6.89
C ALA A 27 -18.53 2.16 6.82
N ARG A 28 -19.37 2.33 5.82
CA ARG A 28 -20.13 3.56 5.66
C ARG A 28 -21.12 3.76 6.87
N GLU A 29 -21.75 2.68 7.34
CA GLU A 29 -22.66 2.79 8.47
C GLU A 29 -21.96 3.15 9.76
N MET A 30 -20.78 2.60 9.94
CA MET A 30 -20.03 2.87 11.14
C MET A 30 -19.57 4.34 11.16
N ILE A 31 -19.17 4.84 9.98
CA ILE A 31 -18.73 6.23 9.85
C ILE A 31 -19.91 7.15 10.19
N GLU A 32 -21.07 6.87 9.59
CA GLU A 32 -22.28 7.68 9.82
C GLU A 32 -22.80 7.59 11.26
N GLY A 33 -22.52 6.45 11.91
CA GLY A 33 -22.89 6.29 13.32
C GLY A 33 -21.88 7.04 14.22
N GLY A 34 -20.87 7.64 13.63
CA GLY A 34 -19.87 8.31 14.44
C GLY A 34 -18.98 7.31 15.16
N LYS A 35 -18.96 6.06 14.69
CA LYS A 35 -18.13 5.00 15.31
C LYS A 35 -16.73 4.93 14.75
N VAL A 36 -16.47 5.78 13.76
CA VAL A 36 -15.14 5.93 13.18
C VAL A 36 -14.87 7.43 13.21
N HIS A 37 -13.74 7.85 13.76
CA HIS A 37 -13.42 9.28 13.74
C HIS A 37 -12.12 9.42 12.92
N TYR A 38 -12.00 10.55 12.25
CA TYR A 38 -10.83 10.91 11.41
C TYR A 38 -10.23 12.15 12.09
N ASN A 39 -8.98 12.04 12.52
CA ASN A 39 -8.30 13.11 13.24
C ASN A 39 -9.16 13.70 14.35
N GLY A 40 -9.75 12.79 15.10
CA GLY A 40 -10.53 13.18 16.25
C GLY A 40 -11.90 13.71 16.04
N GLN A 41 -12.45 13.62 14.83
CA GLN A 41 -13.78 14.13 14.58
C GLN A 41 -14.64 13.26 13.69
N ARG A 42 -15.95 13.49 13.74
CA ARG A 42 -16.86 12.80 12.87
C ARG A 42 -16.34 12.99 11.47
N SER A 43 -16.47 11.96 10.63
CA SER A 43 -16.05 12.06 9.25
C SER A 43 -17.22 11.71 8.32
N LYS A 44 -16.92 11.37 7.09
CA LYS A 44 -17.95 11.05 6.13
C LYS A 44 -17.36 10.02 5.23
N PRO A 45 -18.22 9.16 4.65
CA PRO A 45 -17.83 8.10 3.74
C PRO A 45 -16.90 8.53 2.59
N SER A 46 -17.14 9.72 2.03
CA SER A 46 -16.39 10.21 0.87
C SER A 46 -15.09 10.94 1.20
N LYS A 47 -14.78 11.08 2.48
CA LYS A 47 -13.54 11.72 2.91
C LYS A 47 -12.32 11.05 2.24
N ILE A 48 -11.44 11.84 1.66
CA ILE A 48 -10.29 11.26 1.00
C ILE A 48 -9.24 11.05 2.07
N VAL A 49 -8.75 9.82 2.15
CA VAL A 49 -7.78 9.43 3.16
C VAL A 49 -6.41 10.04 2.90
N GLU A 50 -5.76 10.50 3.96
CA GLU A 50 -4.40 11.06 3.84
C GLU A 50 -3.43 10.20 4.62
N LEU A 51 -2.18 10.08 4.16
CA LEU A 51 -1.21 9.30 4.93
C LEU A 51 -1.00 9.99 6.30
N ASN A 52 -0.75 9.18 7.33
CA ASN A 52 -0.54 9.62 8.70
C ASN A 52 -1.71 10.21 9.41
N ALA A 53 -2.91 10.01 8.87
CA ALA A 53 -4.11 10.52 9.56
C ALA A 53 -4.35 9.55 10.72
N THR A 54 -5.01 10.05 11.76
CA THR A 54 -5.32 9.20 12.92
C THR A 54 -6.80 8.83 12.85
N LEU A 55 -7.07 7.53 12.79
CA LEU A 55 -8.40 7.00 12.74
C LEU A 55 -8.66 6.25 14.06
N THR A 56 -9.82 6.49 14.65
CA THR A 56 -10.23 5.83 15.89
C THR A 56 -11.50 5.12 15.46
N LEU A 57 -11.52 3.81 15.67
CA LEU A 57 -12.69 3.07 15.21
C LEU A 57 -13.04 1.96 16.17
N ARG A 58 -14.33 1.63 16.13
CA ARG A 58 -14.92 0.58 16.95
C ARG A 58 -14.80 -0.77 16.23
N GLN A 59 -14.26 -1.77 16.94
CA GLN A 59 -14.10 -3.15 16.44
C GLN A 59 -14.95 -4.01 17.38
N GLY A 60 -16.20 -4.30 17.01
CA GLY A 60 -17.04 -5.09 17.89
C GLY A 60 -17.19 -4.21 19.12
N ASN A 61 -16.53 -4.57 20.20
CA ASN A 61 -16.59 -3.71 21.37
C ASN A 61 -15.20 -3.16 21.76
N ASP A 62 -14.26 -3.36 20.84
CA ASP A 62 -12.88 -2.90 20.99
C ASP A 62 -12.75 -1.51 20.34
N GLU A 63 -11.81 -0.73 20.85
CA GLU A 63 -11.53 0.55 20.24
C GLU A 63 -10.09 0.44 19.80
N ARG A 64 -9.81 0.90 18.59
CA ARG A 64 -8.46 0.87 18.09
C ARG A 64 -8.16 2.23 17.50
N THR A 65 -6.94 2.73 17.72
CA THR A 65 -6.55 4.01 17.14
C THR A 65 -5.41 3.63 16.21
N VAL A 66 -5.56 3.90 14.90
CA VAL A 66 -4.51 3.57 13.95
C VAL A 66 -4.08 4.80 13.14
N ILE A 67 -2.85 4.70 12.63
CA ILE A 67 -2.26 5.74 11.83
C ILE A 67 -2.23 5.16 10.40
N VAL A 68 -2.72 5.92 9.42
CA VAL A 68 -2.72 5.46 8.01
C VAL A 68 -1.26 5.50 7.46
N LYS A 69 -0.77 4.38 7.01
CA LYS A 69 0.59 4.24 6.46
C LYS A 69 0.58 4.02 4.92
N ALA A 70 -0.56 3.61 4.37
CA ALA A 70 -0.64 3.39 2.91
C ALA A 70 -2.09 3.53 2.42
N ILE A 71 -2.26 3.84 1.13
CA ILE A 71 -3.59 3.92 0.52
C ILE A 71 -3.67 2.96 -0.66
N THR A 72 -4.82 2.35 -0.84
CA THR A 72 -5.00 1.36 -1.90
C THR A 72 -6.50 1.19 -2.11
N GLU A 73 -6.88 0.53 -3.20
CA GLU A 73 -8.29 0.30 -3.46
C GLU A 73 -8.58 -1.18 -3.41
N GLN A 74 -7.52 -1.96 -3.22
CA GLN A 74 -7.63 -3.40 -3.16
C GLN A 74 -7.74 -3.92 -1.73
N ARG A 75 -8.63 -4.89 -1.52
CA ARG A 75 -8.76 -5.52 -0.21
C ARG A 75 -7.91 -6.79 -0.38
N ARG A 76 -6.76 -6.84 0.27
CA ARG A 76 -5.87 -7.99 0.17
C ARG A 76 -6.11 -8.94 1.36
N PRO A 77 -5.32 -10.03 1.47
CA PRO A 77 -5.52 -10.97 2.56
C PRO A 77 -5.24 -10.53 4.01
N ALA A 78 -5.89 -11.23 4.94
CA ALA A 78 -5.81 -10.94 6.39
C ALA A 78 -4.49 -10.29 6.85
N SER A 79 -3.38 -11.01 6.74
CA SER A 79 -2.09 -10.50 7.17
C SER A 79 -1.58 -9.36 6.25
N GLU A 80 -1.90 -9.43 4.97
CA GLU A 80 -1.47 -8.43 4.01
C GLU A 80 -2.13 -7.04 4.12
N ALA A 81 -3.45 -6.99 4.19
CA ALA A 81 -4.12 -5.69 4.30
C ALA A 81 -3.54 -5.00 5.53
N ALA A 82 -3.64 -5.70 6.66
CA ALA A 82 -3.13 -5.26 7.96
C ALA A 82 -1.93 -4.29 7.88
N LEU A 83 -1.20 -4.34 6.75
CA LEU A 83 -0.04 -3.46 6.52
C LEU A 83 -0.36 -2.06 5.98
N LEU A 84 -1.63 -1.64 5.92
CA LEU A 84 -2.01 -0.28 5.42
C LEU A 84 -2.03 0.75 6.57
N TYR A 85 -1.83 0.24 7.77
CA TYR A 85 -1.87 1.08 8.96
C TYR A 85 -0.99 0.52 10.10
N GLU A 86 -0.79 1.35 11.11
CA GLU A 86 -0.02 0.99 12.29
C GLU A 86 -0.82 1.40 13.52
N GLU A 87 -1.35 0.44 14.24
CA GLU A 87 -2.10 0.77 15.46
C GLU A 87 -1.14 1.48 16.45
N THR A 88 -1.61 2.48 17.19
CA THR A 88 -0.69 3.15 18.11
C THR A 88 -0.40 2.24 19.31
N ALA A 89 0.76 2.44 19.90
CA ALA A 89 1.19 1.66 21.05
C ALA A 89 0.18 1.89 22.16
N GLU A 90 -0.27 3.12 22.32
CA GLU A 90 -1.23 3.46 23.36
C GLU A 90 -2.53 2.70 23.09
N SER A 91 -2.90 2.57 21.82
CA SER A 91 -4.13 1.85 21.49
C SER A 91 -3.98 0.33 21.81
N VAL A 92 -2.84 -0.26 21.44
CA VAL A 92 -2.65 -1.69 21.71
C VAL A 92 -2.69 -1.93 23.25
N GLU A 93 -1.98 -1.09 24.01
CA GLU A 93 -1.98 -1.23 25.46
C GLU A 93 -3.39 -1.13 26.03
N LYS A 94 -4.15 -0.13 25.61
CA LYS A 94 -5.48 0.01 26.17
C LYS A 94 -6.32 -1.21 25.91
N ARG A 95 -6.21 -1.75 24.70
CA ARG A 95 -6.98 -2.92 24.35
C ARG A 95 -6.57 -4.08 25.25
N GLU A 96 -5.26 -4.32 25.34
CA GLU A 96 -4.71 -5.39 26.16
C GLU A 96 -5.24 -5.27 27.58
N LYS A 97 -4.92 -4.16 28.22
CA LYS A 97 -5.37 -3.98 29.59
C LYS A 97 -6.83 -4.30 29.77
N MET A 98 -7.68 -3.84 28.88
CA MET A 98 -9.10 -4.15 29.05
C MET A 98 -9.38 -5.65 28.94
N ALA A 99 -8.64 -6.31 28.05
CA ALA A 99 -8.77 -7.75 27.84
C ALA A 99 -8.33 -8.49 29.11
N LEU A 100 -7.17 -8.10 29.65
CA LEU A 100 -6.63 -8.68 30.87
C LEU A 100 -7.62 -8.54 32.03
N ALA A 101 -8.04 -7.30 32.31
CA ALA A 101 -8.98 -7.03 33.36
C ALA A 101 -10.20 -7.93 33.18
N ARG A 102 -10.62 -8.11 31.94
CA ARG A 102 -11.77 -8.95 31.64
C ARG A 102 -11.46 -10.36 32.18
N LYS A 103 -10.36 -10.94 31.71
CA LYS A 103 -9.96 -12.28 32.15
C LYS A 103 -9.74 -12.36 33.67
N LEU A 104 -9.51 -11.21 34.31
CA LEU A 104 -9.30 -11.15 35.76
C LEU A 104 -10.63 -11.27 36.49
N ASN A 105 -11.55 -10.36 36.21
CA ASN A 105 -12.86 -10.40 36.85
C ASN A 105 -13.46 -11.77 36.61
N ALA A 106 -12.91 -12.48 35.63
CA ALA A 106 -13.38 -13.82 35.28
C ALA A 106 -12.92 -14.83 36.33
N LEU A 107 -11.61 -14.87 36.57
CA LEU A 107 -11.01 -15.79 37.54
C LEU A 107 -11.28 -15.32 38.98
N THR A 108 -12.46 -14.73 39.17
CA THR A 108 -12.87 -14.22 40.47
C THR A 108 -14.37 -13.92 40.44
N LYS B 4 -2.99 20.96 -2.06
CA LYS B 4 -2.34 20.01 -3.01
C LYS B 4 -3.15 18.70 -3.06
N PRO B 5 -2.65 17.69 -3.77
CA PRO B 5 -3.31 16.40 -3.87
C PRO B 5 -3.39 15.75 -2.48
N ALA B 6 -4.42 14.94 -2.20
CA ALA B 6 -4.54 14.30 -0.87
C ALA B 6 -3.30 13.49 -0.45
N VAL B 7 -2.72 12.77 -1.39
CA VAL B 7 -1.56 11.95 -1.09
C VAL B 7 -0.47 12.21 -2.14
N GLU B 8 0.68 12.72 -1.70
CA GLU B 8 1.74 13.01 -2.62
C GLU B 8 3.03 12.38 -2.21
N VAL B 9 3.37 11.31 -2.93
CA VAL B 9 4.59 10.53 -2.70
C VAL B 9 5.38 10.55 -4.03
N ARG B 10 6.63 11.01 -3.97
CA ARG B 10 7.46 11.12 -5.15
C ARG B 10 7.82 9.74 -5.73
N LEU B 11 8.06 9.67 -7.05
CA LEU B 11 8.41 8.42 -7.71
C LEU B 11 9.71 7.82 -7.12
N ASP B 12 10.74 8.64 -6.85
CA ASP B 12 11.95 8.04 -6.27
C ASP B 12 11.68 7.37 -4.92
N LYS B 13 10.97 8.08 -4.05
CA LYS B 13 10.58 7.54 -2.75
C LYS B 13 9.74 6.28 -2.89
N TRP B 14 8.74 6.31 -3.78
CA TRP B 14 7.92 5.11 -3.98
C TRP B 14 8.75 3.88 -4.44
N LEU B 15 9.61 4.09 -5.42
CA LEU B 15 10.46 3.00 -5.94
C LEU B 15 11.28 2.36 -4.79
N TRP B 16 11.78 3.19 -3.90
CA TRP B 16 12.54 2.69 -2.74
C TRP B 16 11.61 1.98 -1.77
N ALA B 17 10.43 2.57 -1.55
CA ALA B 17 9.48 1.94 -0.64
C ALA B 17 9.03 0.61 -1.22
N ALA B 18 8.96 0.48 -2.53
CA ALA B 18 8.56 -0.80 -3.13
C ALA B 18 9.77 -1.73 -3.29
N ARG B 19 10.94 -1.31 -2.79
CA ARG B 19 12.14 -2.13 -2.84
C ARG B 19 12.73 -2.43 -4.20
N PHE B 20 12.46 -1.59 -5.22
CA PHE B 20 13.04 -1.85 -6.51
C PHE B 20 14.50 -1.46 -6.48
N TYR B 21 14.84 -0.48 -5.64
CA TYR B 21 16.22 -0.03 -5.48
C TYR B 21 16.49 0.13 -4.00
N LYS B 22 17.76 -0.02 -3.60
CA LYS B 22 18.15 0.06 -2.17
C LYS B 22 18.04 1.42 -1.51
N THR B 23 18.26 2.47 -2.30
CA THR B 23 18.17 3.81 -1.76
C THR B 23 17.36 4.72 -2.69
N ARG B 24 16.83 5.80 -2.12
CA ARG B 24 16.09 6.76 -2.93
C ARG B 24 17.07 7.41 -3.92
N ALA B 25 18.33 7.63 -3.51
CA ALA B 25 19.33 8.21 -4.41
C ALA B 25 19.53 7.30 -5.62
N LEU B 26 19.63 6.01 -5.39
CA LEU B 26 19.79 5.11 -6.52
C LEU B 26 18.53 5.18 -7.41
N ALA B 27 17.35 5.16 -6.79
CA ALA B 27 16.12 5.23 -7.59
C ALA B 27 16.12 6.54 -8.41
N ARG B 28 16.57 7.64 -7.79
CA ARG B 28 16.60 8.95 -8.47
C ARG B 28 17.51 8.88 -9.70
N GLU B 29 18.67 8.26 -9.53
CA GLU B 29 19.62 8.09 -10.63
C GLU B 29 19.05 7.21 -11.77
N MET B 30 18.38 6.12 -11.41
CA MET B 30 17.82 5.28 -12.44
C MET B 30 16.72 6.02 -13.21
N ILE B 31 16.00 6.88 -12.51
CA ILE B 31 14.93 7.60 -13.18
C ILE B 31 15.56 8.58 -14.16
N GLU B 32 16.60 9.28 -13.70
CA GLU B 32 17.27 10.26 -14.54
C GLU B 32 17.93 9.63 -15.74
N GLY B 33 18.46 8.43 -15.55
CA GLY B 33 19.09 7.68 -16.62
C GLY B 33 18.08 7.02 -17.58
N GLY B 34 16.79 7.27 -17.38
CA GLY B 34 15.80 6.70 -18.27
C GLY B 34 15.55 5.21 -18.12
N LYS B 35 16.02 4.62 -17.02
CA LYS B 35 15.80 3.19 -16.78
C LYS B 35 14.42 2.89 -16.21
N VAL B 36 13.68 3.93 -15.90
CA VAL B 36 12.34 3.78 -15.34
C VAL B 36 11.44 4.65 -16.21
N HIS B 37 10.32 4.11 -16.67
CA HIS B 37 9.35 4.86 -17.45
C HIS B 37 8.07 4.93 -16.61
N TYR B 38 7.34 6.05 -16.72
CA TYR B 38 6.07 6.27 -16.04
C TYR B 38 5.03 6.40 -17.17
N ASN B 39 4.09 5.45 -17.25
CA ASN B 39 3.11 5.39 -18.34
C ASN B 39 3.79 5.52 -19.71
N GLY B 40 4.92 4.83 -19.87
CA GLY B 40 5.61 4.81 -21.15
C GLY B 40 6.54 5.97 -21.49
N GLN B 41 6.68 6.92 -20.57
CA GLN B 41 7.55 8.07 -20.85
C GLN B 41 8.64 8.18 -19.82
N ARG B 42 9.72 8.86 -20.21
CA ARG B 42 10.78 9.13 -19.25
C ARG B 42 10.08 10.02 -18.23
N SER B 43 10.56 10.02 -16.98
CA SER B 43 9.91 10.75 -15.91
C SER B 43 10.96 11.52 -15.12
N LYS B 44 10.59 11.98 -13.92
CA LYS B 44 11.48 12.74 -13.06
C LYS B 44 11.31 12.27 -11.63
N PRO B 45 12.37 12.41 -10.82
CA PRO B 45 12.38 11.98 -9.41
C PRO B 45 11.20 12.53 -8.58
N SER B 46 10.80 13.77 -8.83
CA SER B 46 9.71 14.41 -8.09
C SER B 46 8.28 14.03 -8.58
N LYS B 47 8.20 13.27 -9.67
CA LYS B 47 6.89 12.88 -10.16
C LYS B 47 6.03 12.32 -9.05
N ILE B 48 4.83 12.84 -8.87
CA ILE B 48 3.91 12.33 -7.85
C ILE B 48 3.24 11.06 -8.37
N VAL B 49 3.43 9.95 -7.65
CA VAL B 49 2.89 8.65 -8.05
C VAL B 49 1.38 8.55 -7.88
N GLU B 50 0.74 7.87 -8.84
CA GLU B 50 -0.71 7.67 -8.86
C GLU B 50 -1.02 6.18 -8.89
N LEU B 51 -2.10 5.78 -8.23
CA LEU B 51 -2.57 4.40 -8.24
C LEU B 51 -2.90 4.11 -9.72
N ASN B 52 -2.65 2.90 -10.17
CA ASN B 52 -2.91 2.45 -11.54
C ASN B 52 -2.00 2.99 -12.64
N ALA B 53 -0.91 3.64 -12.26
CA ALA B 53 0.06 4.11 -13.27
C ALA B 53 0.82 2.85 -13.68
N THR B 54 1.39 2.87 -14.86
CA THR B 54 2.14 1.72 -15.37
C THR B 54 3.63 2.12 -15.27
N LEU B 55 4.44 1.35 -14.56
CA LEU B 55 5.86 1.69 -14.50
C LEU B 55 6.65 0.57 -15.18
N THR B 56 7.65 0.94 -15.97
CA THR B 56 8.49 -0.05 -16.62
C THR B 56 9.87 0.23 -16.04
N LEU B 57 10.49 -0.81 -15.48
CA LEU B 57 11.80 -0.75 -14.85
C LEU B 57 12.68 -1.73 -15.58
N ARG B 58 13.87 -1.28 -15.96
CA ARG B 58 14.77 -2.16 -16.69
C ARG B 58 16.19 -2.07 -16.18
N GLN B 59 16.90 -3.19 -16.32
CA GLN B 59 18.28 -3.33 -15.91
C GLN B 59 18.93 -4.29 -16.91
N GLY B 60 19.46 -3.74 -18.00
CA GLY B 60 20.10 -4.56 -19.02
C GLY B 60 19.08 -5.31 -19.86
N ASN B 61 18.95 -6.61 -19.60
CA ASN B 61 17.97 -7.44 -20.30
C ASN B 61 16.86 -7.76 -19.30
N ASP B 62 17.05 -7.34 -18.06
CA ASP B 62 16.05 -7.56 -17.03
C ASP B 62 15.03 -6.40 -17.01
N GLU B 63 13.83 -6.67 -17.51
CA GLU B 63 12.74 -5.70 -17.54
C GLU B 63 11.44 -6.19 -16.92
N ARG B 64 10.81 -5.32 -16.13
CA ARG B 64 9.53 -5.62 -15.49
C ARG B 64 8.57 -4.43 -15.66
N THR B 65 7.31 -4.74 -15.96
CA THR B 65 6.29 -3.73 -16.12
C THR B 65 5.25 -4.02 -15.07
N VAL B 66 5.04 -3.05 -14.18
CA VAL B 66 4.09 -3.20 -13.08
C VAL B 66 3.05 -2.08 -13.02
N ILE B 67 1.93 -2.38 -12.40
CA ILE B 67 0.83 -1.45 -12.19
C ILE B 67 0.92 -1.01 -10.69
N VAL B 68 0.88 0.31 -10.42
CA VAL B 68 0.93 0.82 -9.05
C VAL B 68 -0.42 0.51 -8.38
N LYS B 69 -0.39 -0.26 -7.29
CA LYS B 69 -1.63 -0.64 -6.59
C LYS B 69 -1.77 -0.11 -5.17
N ALA B 70 -0.70 0.51 -4.67
CA ALA B 70 -0.73 1.14 -3.35
C ALA B 70 0.34 2.21 -3.29
N ILE B 71 0.12 3.19 -2.45
CA ILE B 71 1.06 4.27 -2.26
C ILE B 71 1.43 4.34 -0.76
N THR B 72 2.73 4.43 -0.48
CA THR B 72 3.19 4.51 0.90
C THR B 72 4.53 5.26 0.94
N GLU B 73 4.96 5.62 2.13
CA GLU B 73 6.20 6.35 2.31
C GLU B 73 7.18 5.50 3.06
N GLN B 74 6.75 4.32 3.50
CA GLN B 74 7.67 3.48 4.22
C GLN B 74 8.06 2.20 3.49
N ARG B 75 9.33 1.85 3.68
CA ARG B 75 9.88 0.66 3.08
C ARG B 75 9.65 -0.49 4.05
N ARG B 76 8.78 -1.41 3.67
CA ARG B 76 8.42 -2.56 4.47
C ARG B 76 9.23 -3.77 4.02
N PRO B 77 8.98 -4.95 4.62
CA PRO B 77 9.65 -6.22 4.30
C PRO B 77 9.48 -6.75 2.87
N ALA B 78 10.56 -7.27 2.31
CA ALA B 78 10.60 -7.80 0.94
C ALA B 78 9.28 -8.34 0.36
N SER B 79 8.75 -9.39 0.94
CA SER B 79 7.50 -9.98 0.47
C SER B 79 6.32 -9.01 0.71
N GLU B 80 6.42 -8.16 1.72
CA GLU B 80 5.34 -7.22 2.02
C GLU B 80 5.23 -6.04 1.04
N ALA B 81 6.34 -5.58 0.48
CA ALA B 81 6.27 -4.45 -0.46
C ALA B 81 5.03 -4.58 -1.38
N ALA B 82 4.64 -5.84 -1.60
CA ALA B 82 3.53 -6.30 -2.44
C ALA B 82 2.30 -5.43 -2.60
N LEU B 83 1.65 -5.05 -1.51
CA LEU B 83 0.45 -4.23 -1.67
C LEU B 83 0.67 -3.11 -2.70
N LEU B 84 1.93 -2.67 -2.82
CA LEU B 84 2.31 -1.58 -3.69
C LEU B 84 2.13 -1.77 -5.20
N TYR B 85 2.40 -2.95 -5.75
CA TYR B 85 2.26 -3.13 -7.19
C TYR B 85 1.89 -4.54 -7.67
N GLU B 86 1.48 -4.65 -8.92
CA GLU B 86 1.12 -5.93 -9.52
C GLU B 86 1.82 -6.01 -10.89
N GLU B 87 2.71 -6.97 -11.09
CA GLU B 87 3.38 -7.08 -12.38
C GLU B 87 2.31 -7.45 -13.41
N THR B 88 2.49 -7.00 -14.64
CA THR B 88 1.49 -7.35 -15.67
C THR B 88 1.75 -8.77 -16.22
N ALA B 89 0.67 -9.40 -16.71
CA ALA B 89 0.77 -10.74 -17.29
C ALA B 89 1.74 -10.66 -18.45
N GLU B 90 1.61 -9.63 -19.28
CA GLU B 90 2.53 -9.46 -20.40
C GLU B 90 4.02 -9.36 -19.99
N SER B 91 4.29 -8.67 -18.89
CA SER B 91 5.66 -8.52 -18.39
C SER B 91 6.17 -9.91 -17.91
N VAL B 92 5.32 -10.64 -17.21
CA VAL B 92 5.69 -11.98 -16.74
C VAL B 92 6.04 -12.87 -17.97
N GLU B 93 5.18 -12.84 -18.99
CA GLU B 93 5.43 -13.65 -20.17
C GLU B 93 6.67 -13.24 -20.92
N LYS B 94 6.90 -11.94 -21.00
CA LYS B 94 8.09 -11.46 -21.66
C LYS B 94 9.31 -12.03 -20.91
N ARG B 95 9.30 -11.98 -19.58
CA ARG B 95 10.41 -12.53 -18.82
C ARG B 95 10.56 -14.06 -19.07
N GLU B 96 9.44 -14.78 -19.08
CA GLU B 96 9.49 -16.23 -19.30
C GLU B 96 10.06 -16.58 -20.68
N LYS B 97 9.64 -15.87 -21.72
CA LYS B 97 10.15 -16.14 -23.06
C LYS B 97 11.64 -15.86 -23.17
N MET B 98 12.13 -14.88 -22.40
CA MET B 98 13.54 -14.56 -22.46
C MET B 98 14.34 -15.66 -21.79
N ALA B 99 13.78 -16.20 -20.70
CA ALA B 99 14.44 -17.28 -19.99
C ALA B 99 14.42 -18.50 -20.93
N LEU B 100 13.26 -18.75 -21.55
CA LEU B 100 13.12 -19.88 -22.47
C LEU B 100 14.16 -19.75 -23.57
N ALA B 101 14.26 -18.56 -24.17
CA ALA B 101 15.20 -18.33 -25.25
C ALA B 101 16.66 -18.54 -24.84
N ARG B 102 17.04 -18.11 -23.66
CA ARG B 102 18.42 -18.28 -23.24
C ARG B 102 18.70 -19.76 -22.99
N LYS B 103 17.71 -20.45 -22.43
CA LYS B 103 17.84 -21.89 -22.14
C LYS B 103 17.98 -22.68 -23.44
N LEU B 104 17.17 -22.33 -24.44
CA LEU B 104 17.20 -23.00 -25.74
C LEU B 104 18.59 -22.84 -26.36
N ASN B 105 19.19 -21.69 -26.08
CA ASN B 105 20.51 -21.35 -26.59
C ASN B 105 21.60 -22.29 -26.04
N ALA B 106 21.48 -22.63 -24.76
CA ALA B 106 22.42 -23.50 -24.10
C ALA B 106 22.20 -24.95 -24.51
N LEU B 107 20.95 -25.29 -24.84
CA LEU B 107 20.60 -26.65 -25.24
C LEU B 107 21.07 -27.02 -26.65
N THR B 108 20.67 -26.23 -27.65
CA THR B 108 21.05 -26.49 -29.03
C THR B 108 22.56 -26.39 -29.22
N MET B 109 23.24 -25.71 -28.29
CA MET B 109 24.68 -25.58 -28.35
C MET B 109 25.26 -26.76 -27.55
N PRO B 110 24.79 -26.91 -26.31
CA PRO B 110 25.21 -27.98 -25.41
C PRO B 110 24.01 -28.66 -24.74
S SO4 C . -12.22 -11.45 2.03
O1 SO4 C . -12.46 -10.34 1.11
O2 SO4 C . -12.85 -11.16 3.37
O3 SO4 C . -12.80 -12.78 1.50
O4 SO4 C . -10.70 -11.68 2.14
S SO4 D . 22.27 15.87 -7.38
O1 SO4 D . 23.01 17.09 -7.50
O2 SO4 D . 20.95 16.03 -8.07
O3 SO4 D . 22.99 14.65 -7.94
O4 SO4 D . 22.08 15.54 -5.91
S SO4 E . 14.61 16.55 -7.06
O1 SO4 E . 15.84 17.34 -7.01
O2 SO4 E . 13.72 17.06 -8.16
O3 SO4 E . 14.90 15.05 -7.29
O4 SO4 E . 13.92 16.64 -5.69
S SO4 F . 15.88 -3.19 4.26
O1 SO4 F . 14.92 -2.10 4.23
O2 SO4 F . 16.95 -2.89 5.28
O3 SO4 F . 15.22 -4.56 4.59
O4 SO4 F . 16.49 -3.39 2.86
S SO4 G . -6.46 -2.46 -13.45
O1 SO4 G . -5.66 -1.25 -13.12
O2 SO4 G . -7.87 -2.00 -13.72
O3 SO4 G . -5.90 -3.27 -14.66
O4 SO4 G . -6.35 -3.46 -12.31
S SO4 H . 7.57 1.46 -22.57
O1 SO4 H . 6.20 1.84 -22.92
O2 SO4 H . 7.68 -0.05 -22.50
O3 SO4 H . 8.60 1.98 -23.61
O4 SO4 H . 7.97 2.12 -21.26
#